data_5WQU
#
_entry.id   5WQU
#
_cell.length_a   128.547
_cell.length_b   128.547
_cell.length_c   66.207
_cell.angle_alpha   90.00
_cell.angle_beta   90.00
_cell.angle_gamma   90.00
#
_symmetry.space_group_name_H-M   'P 42 21 2'
#
loop_
_entity.id
_entity.type
_entity.pdbx_description
1 polymer Beta-amylase
2 branched alpha-D-glucopyranose-(1-4)-alpha-D-glucopyranose-(1-4)-alpha-D-glucopyranose-(1-4)-alpha-D-glucopyranose
3 water water
#
_entity_poly.entity_id   1
_entity_poly.type   'polypeptide(L)'
_entity_poly.pdbx_seq_one_letter_code
;APIPGVMPIGNYVSLYVMLPLGVVNADNVFPDKEKVEDELKQVKAGGCDGVMVDVWWGIIEAKGPKQYDWSAYRELFQLV
KKCGLKIQAIMSFHQCGGNVGDAVFIPIPQWILQIGDKNPDIFYTNRAGNRNQEYLSLGVDNQRLFQGRTALEMYRDFME
SFRDNMADFLKAGDIVDIEVGCGAAGELRYPSYPETQGWVFPGIGEFQCYDKYMVADWKEAVKQAGNADWEMPGKGAGTY
NDTPDKTEFFRPNGTYKTDMGKFFLTWYSNKLIIHGDQVLEEANKVFVGLRVNIAAKVSGIHWWYNHVSHAAELTAGFYN
VAGRDGYRPIARMLARHHATLNFTCLEMRDSEQPAEAKSAPQELVQQVLSSGWKEYIDVAGENALPRYDATAYNQMLLNV
RPNGVNLNGPPKLKMSGLTYLRLSDDLLQTDNFELFKKFVKKMHADLDPSPNAISPAVLERSNSAITIDELMEATKGSRP
FPWYDVTDMPVDGSNPFD
;
_entity_poly.pdbx_strand_id   A
#
loop_
_chem_comp.id
_chem_comp.type
_chem_comp.name
_chem_comp.formula
GLC D-saccharide, alpha linking alpha-D-glucopyranose 'C6 H12 O6'
#
# COMPACT_ATOMS: atom_id res chain seq x y z
N ALA A 1 14.22 36.35 11.95
CA ALA A 1 13.06 36.01 11.10
C ALA A 1 13.57 35.60 9.71
N PRO A 2 12.72 34.90 8.87
CA PRO A 2 13.23 34.51 7.56
C PRO A 2 13.28 35.68 6.59
N ILE A 3 14.06 35.53 5.53
CA ILE A 3 14.17 36.54 4.47
C ILE A 3 13.00 36.33 3.50
N PRO A 4 12.23 37.40 3.23
CA PRO A 4 11.12 37.31 2.27
C PRO A 4 11.52 36.66 0.94
N GLY A 5 10.68 35.75 0.45
CA GLY A 5 10.95 34.98 -0.76
C GLY A 5 11.86 33.73 -0.67
N VAL A 6 12.53 33.49 0.44
CA VAL A 6 13.40 32.33 0.54
C VAL A 6 12.62 31.15 1.09
N MET A 7 12.48 30.08 0.30
CA MET A 7 11.80 28.83 0.73
C MET A 7 12.83 27.76 1.05
N PRO A 8 12.97 27.36 2.31
CA PRO A 8 13.89 26.27 2.64
C PRO A 8 13.58 24.96 1.91
N ILE A 9 14.62 24.29 1.43
CA ILE A 9 14.43 23.10 0.59
C ILE A 9 13.81 21.90 1.30
N GLY A 10 13.92 21.82 2.62
CA GLY A 10 13.22 20.76 3.38
C GLY A 10 11.71 20.67 3.12
N ASN A 11 11.10 21.75 2.63
CA ASN A 11 9.69 21.77 2.23
C ASN A 11 9.26 20.99 1.01
N TYR A 12 10.24 20.60 0.22
CA TYR A 12 10.06 19.91 -1.06
C TYR A 12 9.58 18.48 -0.86
N VAL A 13 8.53 18.12 -1.59
CA VAL A 13 8.00 16.80 -1.59
C VAL A 13 8.11 16.25 -3.00
N SER A 14 8.70 15.05 -3.11
CA SER A 14 8.96 14.45 -4.40
C SER A 14 7.65 13.95 -4.91
N LEU A 15 7.49 14.03 -6.23
CA LEU A 15 6.28 13.63 -6.90
C LEU A 15 6.63 12.65 -7.99
N TYR A 16 6.04 11.46 -7.91
CA TYR A 16 6.25 10.34 -8.81
C TYR A 16 4.96 10.07 -9.57
N VAL A 17 5.06 9.55 -10.79
CA VAL A 17 3.84 9.14 -11.55
C VAL A 17 3.83 7.66 -11.87
N MET A 18 2.67 7.01 -11.73
CA MET A 18 2.59 5.57 -11.98
C MET A 18 2.51 5.35 -13.48
N LEU A 19 3.34 4.44 -13.99
CA LEU A 19 3.32 4.08 -15.40
C LEU A 19 2.08 3.32 -15.72
N PRO A 20 1.70 3.25 -17.01
CA PRO A 20 0.54 2.42 -17.31
C PRO A 20 0.79 0.94 -17.00
N LEU A 21 -0.31 0.27 -16.69
CA LEU A 21 -0.28 -1.15 -16.42
C LEU A 21 0.00 -1.83 -17.77
N GLY A 22 0.82 -2.86 -17.76
CA GLY A 22 1.10 -3.60 -19.00
C GLY A 22 2.27 -3.05 -19.79
N VAL A 23 2.83 -1.93 -19.34
CA VAL A 23 3.98 -1.31 -19.97
C VAL A 23 5.11 -2.31 -20.27
N VAL A 24 5.23 -3.34 -19.45
CA VAL A 24 5.87 -4.57 -19.88
C VAL A 24 4.72 -5.57 -19.83
N ASN A 25 4.41 -6.17 -20.98
CA ASN A 25 3.21 -7.02 -21.13
C ASN A 25 3.45 -8.41 -20.58
N ALA A 26 2.39 -9.20 -20.57
CA ALA A 26 2.45 -10.59 -20.10
C ALA A 26 3.49 -11.49 -20.77
N ASP A 27 3.89 -11.20 -22.02
CA ASP A 27 4.95 -11.99 -22.71
C ASP A 27 6.39 -11.58 -22.36
N ASN A 28 6.56 -10.59 -21.49
CA ASN A 28 7.88 -10.05 -21.11
C ASN A 28 8.48 -9.27 -22.27
N VAL A 29 7.60 -8.54 -22.93
CA VAL A 29 7.97 -7.74 -24.06
C VAL A 29 7.61 -6.31 -23.74
N PHE A 30 8.55 -5.40 -23.97
CA PHE A 30 8.31 -3.95 -23.80
C PHE A 30 7.94 -3.29 -25.14
N PRO A 31 6.63 -3.18 -25.45
CA PRO A 31 6.19 -2.56 -26.69
C PRO A 31 6.02 -1.03 -26.54
N ASP A 32 5.77 -0.36 -27.67
CA ASP A 32 5.55 1.08 -27.77
C ASP A 32 6.71 1.86 -27.19
N LYS A 33 7.92 1.32 -27.32
CA LYS A 33 9.11 1.99 -26.83
C LYS A 33 9.08 3.49 -27.16
N GLU A 34 8.62 3.81 -28.36
CA GLU A 34 8.73 5.17 -28.90
C GLU A 34 7.64 6.05 -28.29
N LYS A 35 6.42 5.54 -28.18
CA LYS A 35 5.35 6.23 -27.45
C LYS A 35 5.63 6.45 -25.95
N VAL A 36 5.95 5.37 -25.24
CA VAL A 36 6.35 5.44 -23.84
C VAL A 36 7.45 6.49 -23.66
N GLU A 37 8.43 6.48 -24.56
CA GLU A 37 9.51 7.47 -24.53
C GLU A 37 9.03 8.93 -24.55
N ASP A 38 7.96 9.21 -25.28
CA ASP A 38 7.44 10.58 -25.38
C ASP A 38 6.57 10.97 -24.18
N GLU A 39 5.85 9.99 -23.59
CA GLU A 39 5.13 10.20 -22.32
C GLU A 39 6.11 10.55 -21.18
N LEU A 40 7.25 9.88 -21.17
CA LEU A 40 8.28 10.17 -20.20
C LEU A 40 8.94 11.54 -20.38
N LYS A 41 9.21 11.94 -21.64
CA LYS A 41 9.70 13.29 -21.93
C LYS A 41 8.72 14.36 -21.40
N GLN A 42 7.42 14.11 -21.54
CA GLN A 42 6.40 15.04 -21.06
C GLN A 42 6.33 15.14 -19.52
N VAL A 43 6.31 13.97 -18.87
CA VAL A 43 6.37 13.83 -17.42
C VAL A 43 7.60 14.56 -16.87
N LYS A 44 8.78 14.29 -17.41
CA LYS A 44 10.00 14.99 -17.02
C LYS A 44 9.90 16.50 -17.24
N ALA A 45 9.30 16.91 -18.35
CA ALA A 45 9.20 18.33 -18.67
C ALA A 45 8.12 19.04 -17.83
N GLY A 46 7.18 18.26 -17.29
CA GLY A 46 6.21 18.72 -16.29
C GLY A 46 6.77 18.95 -14.88
N GLY A 47 7.98 18.44 -14.62
CA GLY A 47 8.72 18.65 -13.39
C GLY A 47 8.75 17.44 -12.45
N CYS A 48 8.07 16.35 -12.81
CA CYS A 48 8.05 15.15 -11.96
C CYS A 48 9.45 14.67 -11.68
N ASP A 49 9.63 14.08 -10.49
CA ASP A 49 10.93 13.57 -10.05
C ASP A 49 11.16 12.11 -10.53
N GLY A 50 10.08 11.36 -10.82
CA GLY A 50 10.26 9.97 -11.19
C GLY A 50 8.97 9.24 -11.51
N VAL A 51 9.08 7.92 -11.59
CA VAL A 51 7.93 7.08 -11.87
C VAL A 51 7.95 5.81 -11.05
N MET A 52 6.78 5.21 -10.93
CA MET A 52 6.60 3.92 -10.23
C MET A 52 6.10 2.89 -11.23
N VAL A 53 6.57 1.67 -11.08
CA VAL A 53 6.18 0.62 -11.97
C VAL A 53 6.13 -0.66 -11.20
N ASP A 54 5.15 -1.49 -11.54
CA ASP A 54 5.08 -2.85 -11.06
C ASP A 54 6.13 -3.73 -11.71
N VAL A 55 6.76 -4.55 -10.87
CA VAL A 55 7.67 -5.57 -11.36
C VAL A 55 6.94 -6.88 -11.09
N TRP A 56 6.19 -7.32 -12.09
CA TRP A 56 5.25 -8.43 -11.92
C TRP A 56 5.97 -9.77 -11.83
N TRP A 57 5.75 -10.49 -10.72
CA TRP A 57 6.30 -11.80 -10.46
C TRP A 57 5.93 -12.83 -11.54
N GLY A 58 4.68 -12.80 -11.98
CA GLY A 58 4.18 -13.70 -13.00
C GLY A 58 4.67 -13.47 -14.41
N ILE A 59 5.27 -12.30 -14.66
CA ILE A 59 6.09 -12.08 -15.88
C ILE A 59 7.49 -12.62 -15.70
N ILE A 60 8.16 -12.20 -14.65
CA ILE A 60 9.60 -12.42 -14.50
C ILE A 60 9.93 -13.87 -14.24
N GLU A 61 9.22 -14.52 -13.32
CA GLU A 61 9.43 -15.94 -13.01
C GLU A 61 8.38 -16.86 -13.71
N ALA A 62 7.94 -16.50 -14.91
CA ALA A 62 6.86 -17.23 -15.57
C ALA A 62 7.22 -18.65 -15.97
N LYS A 63 8.42 -18.84 -16.53
CA LYS A 63 8.76 -20.11 -17.19
C LYS A 63 8.92 -21.27 -16.20
N GLY A 64 9.42 -20.94 -15.02
CA GLY A 64 9.55 -21.94 -13.97
C GLY A 64 10.24 -21.40 -12.76
N PRO A 65 10.41 -22.24 -11.75
CA PRO A 65 11.14 -21.81 -10.55
C PRO A 65 12.58 -21.36 -10.85
N LYS A 66 12.93 -20.18 -10.34
CA LYS A 66 14.23 -19.55 -10.49
C LYS A 66 14.69 -19.27 -11.92
N GLN A 67 13.78 -19.33 -12.89
CA GLN A 67 14.08 -18.91 -14.26
C GLN A 67 13.64 -17.47 -14.46
N TYR A 68 14.52 -16.56 -14.05
CA TYR A 68 14.18 -15.14 -14.02
C TYR A 68 14.64 -14.44 -15.31
N ASP A 69 13.74 -13.76 -16.00
CA ASP A 69 14.14 -12.95 -17.16
C ASP A 69 13.89 -11.46 -16.91
N TRP A 70 14.99 -10.73 -16.68
CA TRP A 70 14.97 -9.29 -16.38
C TRP A 70 15.17 -8.35 -17.57
N SER A 71 15.33 -8.90 -18.76
CA SER A 71 15.81 -8.14 -19.92
C SER A 71 14.95 -6.96 -20.26
N ALA A 72 13.62 -7.20 -20.28
CA ALA A 72 12.63 -6.17 -20.64
C ALA A 72 12.52 -5.05 -19.60
N TYR A 73 12.60 -5.41 -18.33
CA TYR A 73 12.61 -4.44 -17.28
C TYR A 73 13.94 -3.65 -17.30
N ARG A 74 15.04 -4.34 -17.59
CA ARG A 74 16.33 -3.63 -17.75
C ARG A 74 16.26 -2.53 -18.81
N GLU A 75 15.61 -2.82 -19.94
CA GLU A 75 15.40 -1.84 -21.00
C GLU A 75 14.59 -0.65 -20.49
N LEU A 76 13.47 -0.98 -19.81
CA LEU A 76 12.49 0.01 -19.38
C LEU A 76 13.18 0.97 -18.43
N PHE A 77 13.97 0.39 -17.53
CA PHE A 77 14.74 1.16 -16.56
C PHE A 77 15.80 2.05 -17.23
N GLN A 78 16.52 1.50 -18.21
CA GLN A 78 17.55 2.25 -18.95
C GLN A 78 16.97 3.47 -19.63
N LEU A 79 15.78 3.28 -20.18
CA LEU A 79 15.02 4.36 -20.81
C LEU A 79 14.61 5.41 -19.79
N VAL A 80 14.10 4.98 -18.63
CA VAL A 80 13.59 5.94 -17.62
C VAL A 80 14.77 6.76 -17.11
N LYS A 81 15.91 6.11 -16.89
CA LYS A 81 17.16 6.80 -16.58
C LYS A 81 17.52 7.82 -17.62
N LYS A 82 17.54 7.40 -18.89
CA LYS A 82 17.99 8.30 -19.96
C LYS A 82 17.06 9.53 -20.12
N CYS A 83 15.78 9.37 -19.79
CA CYS A 83 14.86 10.50 -19.64
C CYS A 83 15.01 11.35 -18.33
N GLY A 84 16.00 11.05 -17.48
CA GLY A 84 16.27 11.80 -16.27
C GLY A 84 15.30 11.58 -15.12
N LEU A 85 14.67 10.40 -15.06
CA LEU A 85 13.68 10.12 -14.04
C LEU A 85 14.14 9.04 -13.06
N LYS A 86 13.75 9.24 -11.80
CA LYS A 86 13.98 8.27 -10.76
C LYS A 86 12.95 7.14 -10.91
N ILE A 87 13.28 6.01 -10.30
CA ILE A 87 12.46 4.81 -10.39
C ILE A 87 12.01 4.27 -9.01
N GLN A 88 10.70 4.05 -8.84
CA GLN A 88 10.15 3.25 -7.73
C GLN A 88 9.69 1.88 -8.21
N ALA A 89 10.28 0.80 -7.72
CA ALA A 89 9.92 -0.56 -8.17
C ALA A 89 9.02 -1.31 -7.19
N ILE A 90 7.85 -1.75 -7.61
CA ILE A 90 7.00 -2.54 -6.70
C ILE A 90 7.37 -3.98 -6.93
N MET A 91 7.82 -4.68 -5.90
CA MET A 91 7.88 -6.15 -5.94
C MET A 91 6.44 -6.70 -5.88
N SER A 92 5.84 -6.87 -7.06
CA SER A 92 4.43 -7.18 -7.22
C SER A 92 4.19 -8.68 -7.28
N PHE A 93 4.04 -9.25 -6.08
CA PHE A 93 3.75 -10.67 -5.96
C PHE A 93 2.26 -10.93 -6.04
N HIS A 94 1.57 -10.14 -6.82
CA HIS A 94 0.11 -10.29 -6.96
C HIS A 94 -0.31 -10.21 -8.41
N GLN A 95 -1.60 -10.38 -8.62
CA GLN A 95 -2.20 -10.40 -9.96
C GLN A 95 -2.71 -9.00 -10.34
N CYS A 96 -2.50 -8.64 -11.60
CA CYS A 96 -3.13 -7.49 -12.21
C CYS A 96 -4.30 -7.88 -13.10
N GLY A 97 -5.43 -7.21 -12.89
CA GLY A 97 -6.59 -7.26 -13.77
C GLY A 97 -7.11 -8.67 -13.96
N GLY A 98 -7.44 -9.00 -15.22
CA GLY A 98 -8.04 -10.29 -15.59
C GLY A 98 -9.55 -10.28 -15.71
N ASN A 99 -10.16 -9.08 -15.77
CA ASN A 99 -11.62 -8.97 -16.00
C ASN A 99 -11.97 -8.39 -17.37
N VAL A 100 -13.25 -8.54 -17.70
CA VAL A 100 -13.91 -7.86 -18.79
C VAL A 100 -13.39 -6.41 -18.94
N GLY A 101 -13.72 -5.54 -17.99
CA GLY A 101 -13.32 -4.13 -18.08
C GLY A 101 -11.91 -3.89 -17.58
N ASP A 102 -10.91 -4.43 -18.29
CA ASP A 102 -9.51 -4.39 -17.81
C ASP A 102 -8.42 -4.31 -18.89
N ALA A 103 -7.54 -3.32 -18.69
CA ALA A 103 -6.38 -3.06 -19.53
C ALA A 103 -5.56 -4.32 -19.80
N VAL A 104 -5.27 -5.07 -18.75
CA VAL A 104 -4.37 -6.20 -18.86
C VAL A 104 -4.73 -7.28 -17.83
N PHE A 105 -4.25 -8.51 -18.06
CA PHE A 105 -4.33 -9.64 -17.12
C PHE A 105 -2.92 -10.22 -16.93
N ILE A 106 -2.32 -10.04 -15.76
CA ILE A 106 -1.02 -10.64 -15.43
C ILE A 106 -1.25 -11.43 -14.14
N PRO A 107 -1.41 -12.77 -14.22
CA PRO A 107 -1.51 -13.58 -13.02
C PRO A 107 -0.15 -13.78 -12.40
N ILE A 108 -0.12 -14.40 -11.21
CA ILE A 108 1.11 -14.89 -10.58
C ILE A 108 1.58 -16.10 -11.41
N PRO A 109 2.83 -16.54 -11.26
CA PRO A 109 3.33 -17.56 -12.20
C PRO A 109 2.40 -18.78 -12.44
N GLN A 110 2.35 -19.22 -13.69
CA GLN A 110 1.51 -20.33 -14.10
C GLN A 110 1.76 -21.58 -13.25
N TRP A 111 3.02 -21.86 -12.97
CA TRP A 111 3.39 -23.07 -12.23
C TRP A 111 2.96 -23.03 -10.77
N ILE A 112 2.69 -21.82 -10.23
CA ILE A 112 2.12 -21.67 -8.88
C ILE A 112 0.62 -21.98 -8.96
N LEU A 113 -0.05 -21.44 -9.97
CA LEU A 113 -1.44 -21.75 -10.22
C LEU A 113 -1.74 -23.23 -10.50
N GLN A 114 -0.77 -23.98 -11.04
CA GLN A 114 -0.88 -25.46 -11.17
C GLN A 114 -1.01 -26.06 -9.80
N ILE A 115 -0.19 -25.57 -8.86
CA ILE A 115 -0.16 -26.16 -7.53
C ILE A 115 -1.51 -25.92 -6.87
N GLY A 116 -2.08 -24.75 -7.15
CA GLY A 116 -3.36 -24.35 -6.63
C GLY A 116 -4.55 -25.16 -7.11
N ASP A 117 -4.46 -25.70 -8.33
CA ASP A 117 -5.50 -26.57 -8.88
C ASP A 117 -5.74 -27.77 -7.99
N LYS A 118 -4.65 -28.43 -7.57
CA LYS A 118 -4.74 -29.57 -6.66
C LYS A 118 -4.85 -29.16 -5.18
N ASN A 119 -4.30 -27.99 -4.80
CA ASN A 119 -4.30 -27.50 -3.40
C ASN A 119 -4.80 -26.01 -3.29
N PRO A 120 -6.14 -25.82 -3.36
CA PRO A 120 -6.67 -24.45 -3.39
C PRO A 120 -6.57 -23.67 -2.06
N ASP A 121 -6.18 -24.34 -0.98
CA ASP A 121 -5.91 -23.68 0.31
C ASP A 121 -4.60 -22.86 0.35
N ILE A 122 -3.88 -22.78 -0.77
CA ILE A 122 -2.81 -21.79 -0.87
C ILE A 122 -3.35 -20.34 -1.04
N PHE A 123 -4.65 -20.22 -1.35
CA PHE A 123 -5.35 -18.97 -1.59
C PHE A 123 -6.24 -18.61 -0.39
N TYR A 124 -6.32 -17.28 -0.10
CA TYR A 124 -7.22 -16.69 0.88
C TYR A 124 -8.63 -17.11 0.53
N THR A 125 -9.36 -17.58 1.52
CA THR A 125 -10.61 -18.25 1.29
C THR A 125 -11.67 -17.66 2.18
N ASN A 126 -12.81 -17.34 1.60
CA ASN A 126 -13.90 -16.84 2.42
C ASN A 126 -14.66 -18.02 3.08
N ARG A 127 -15.61 -17.65 3.93
CA ARG A 127 -16.53 -18.57 4.63
C ARG A 127 -17.24 -19.58 3.69
N ALA A 128 -17.62 -19.13 2.51
CA ALA A 128 -18.29 -19.99 1.54
C ALA A 128 -17.35 -20.93 0.76
N GLY A 129 -16.04 -20.90 0.99
CA GLY A 129 -15.13 -21.76 0.22
C GLY A 129 -14.59 -21.14 -1.06
N ASN A 130 -14.86 -19.85 -1.33
CA ASN A 130 -14.32 -19.19 -2.53
C ASN A 130 -12.83 -18.85 -2.36
N ARG A 131 -12.04 -19.09 -3.41
CA ARG A 131 -10.59 -18.91 -3.41
C ARG A 131 -10.29 -17.70 -4.25
N ASN A 132 -9.45 -16.81 -3.76
CA ASN A 132 -9.06 -15.65 -4.53
C ASN A 132 -7.63 -15.95 -5.02
N GLN A 133 -7.43 -16.04 -6.33
CA GLN A 133 -6.07 -16.29 -6.92
C GLN A 133 -5.08 -15.14 -6.94
N GLU A 134 -5.48 -13.95 -6.50
CA GLU A 134 -4.68 -12.71 -6.57
C GLU A 134 -3.33 -12.78 -5.93
N TYR A 135 -3.26 -13.50 -4.82
CA TYR A 135 -2.13 -13.50 -3.91
C TYR A 135 -2.10 -14.84 -3.13
N LEU A 136 -0.93 -15.28 -2.73
CA LEU A 136 -0.81 -16.42 -1.81
C LEU A 136 -1.13 -16.05 -0.34
N SER A 137 -2.04 -16.78 0.30
CA SER A 137 -2.37 -16.57 1.73
C SER A 137 -1.12 -16.59 2.61
N LEU A 138 -1.04 -15.65 3.58
CA LEU A 138 -0.02 -15.67 4.63
C LEU A 138 0.08 -17.06 5.28
N GLY A 139 -1.05 -17.76 5.36
CA GLY A 139 -1.11 -19.16 5.72
C GLY A 139 -0.03 -20.04 5.15
N VAL A 140 0.51 -19.67 3.99
CA VAL A 140 1.44 -20.51 3.29
C VAL A 140 2.89 -19.97 3.29
N ASP A 141 3.12 -18.88 4.01
CA ASP A 141 4.42 -18.22 4.07
C ASP A 141 5.53 -19.22 4.36
N ASN A 142 5.28 -20.10 5.32
CA ASN A 142 6.28 -20.99 5.84
C ASN A 142 5.96 -22.47 5.50
N GLN A 143 5.21 -22.72 4.43
CA GLN A 143 4.79 -24.06 4.05
C GLN A 143 5.56 -24.41 2.77
N ARG A 144 6.39 -25.44 2.86
CA ARG A 144 7.25 -25.86 1.74
C ARG A 144 6.44 -26.62 0.69
N LEU A 145 5.65 -25.92 -0.10
CA LEU A 145 4.74 -26.52 -1.05
C LEU A 145 5.09 -26.25 -2.52
N PHE A 146 6.06 -25.34 -2.77
CA PHE A 146 6.30 -24.75 -4.10
C PHE A 146 7.58 -25.24 -4.75
N GLN A 147 7.48 -26.48 -5.25
CA GLN A 147 8.62 -27.23 -5.78
C GLN A 147 9.84 -27.15 -4.90
N GLY A 148 9.62 -27.49 -3.63
CA GLY A 148 10.67 -27.52 -2.62
C GLY A 148 10.94 -26.20 -1.93
N ARG A 149 10.25 -25.12 -2.30
CA ARG A 149 10.33 -23.83 -1.58
C ARG A 149 9.06 -23.43 -0.84
N THR A 150 9.28 -22.59 0.14
CA THR A 150 8.22 -21.95 0.90
C THR A 150 7.88 -20.60 0.23
N ALA A 151 6.73 -20.02 0.52
CA ALA A 151 6.38 -18.73 -0.11
C ALA A 151 7.32 -17.58 0.27
N LEU A 152 7.74 -17.51 1.52
CA LEU A 152 8.72 -16.47 1.93
C LEU A 152 10.03 -16.56 1.16
N GLU A 153 10.46 -17.77 0.85
CA GLU A 153 11.73 -18.04 0.20
C GLU A 153 11.67 -17.64 -1.25
N MET A 154 10.52 -17.88 -1.88
CA MET A 154 10.29 -17.40 -3.23
C MET A 154 10.35 -15.87 -3.32
N TYR A 155 9.86 -15.19 -2.27
CA TYR A 155 9.88 -13.73 -2.21
C TYR A 155 11.32 -13.24 -1.97
N ARG A 156 12.09 -13.88 -1.09
CA ARG A 156 13.50 -13.57 -0.93
C ARG A 156 14.26 -13.72 -2.24
N ASP A 157 14.18 -14.92 -2.82
CA ASP A 157 14.94 -15.28 -4.02
C ASP A 157 14.64 -14.35 -5.19
N PHE A 158 13.38 -14.00 -5.35
CA PHE A 158 13.02 -13.03 -6.41
C PHE A 158 13.67 -11.67 -6.11
N MET A 159 13.69 -11.27 -4.85
CA MET A 159 14.24 -9.96 -4.47
C MET A 159 15.75 -9.95 -4.59
N GLU A 160 16.39 -11.05 -4.23
CA GLU A 160 17.83 -11.23 -4.43
C GLU A 160 18.17 -11.13 -5.91
N SER A 161 17.33 -11.73 -6.75
CA SER A 161 17.60 -11.72 -8.16
C SER A 161 17.45 -10.27 -8.68
N PHE A 162 16.40 -9.59 -8.27
CA PHE A 162 16.20 -8.19 -8.62
C PHE A 162 17.40 -7.35 -8.21
N ARG A 163 17.83 -7.45 -6.97
CA ARG A 163 19.03 -6.71 -6.51
C ARG A 163 20.24 -6.99 -7.37
N ASP A 164 20.46 -8.27 -7.66
CA ASP A 164 21.71 -8.71 -8.32
C ASP A 164 21.65 -8.36 -9.80
N ASN A 165 20.47 -8.40 -10.40
CA ASN A 165 20.35 -8.04 -11.82
C ASN A 165 20.16 -6.54 -12.06
N MET A 166 20.01 -5.76 -10.99
CA MET A 166 19.81 -4.31 -11.08
C MET A 166 20.86 -3.59 -10.26
N ALA A 167 21.95 -4.30 -9.96
CA ALA A 167 23.02 -3.75 -9.10
C ALA A 167 23.59 -2.42 -9.57
N ASP A 168 23.55 -2.14 -10.88
CA ASP A 168 24.11 -0.87 -11.40
C ASP A 168 23.19 0.36 -11.29
N PHE A 169 21.91 0.18 -11.63
CA PHE A 169 20.85 1.15 -11.36
C PHE A 169 20.80 1.44 -9.84
N LEU A 170 20.91 0.37 -9.05
CA LEU A 170 20.96 0.50 -7.61
C LEU A 170 22.17 1.27 -7.10
N LYS A 171 23.39 0.99 -7.60
CA LYS A 171 24.57 1.77 -7.19
C LYS A 171 24.61 3.17 -7.81
N ALA A 172 24.07 3.34 -9.00
CA ALA A 172 23.94 4.69 -9.58
C ALA A 172 22.94 5.62 -8.85
N GLY A 173 22.01 5.07 -8.08
CA GLY A 173 20.95 5.87 -7.42
C GLY A 173 19.75 6.13 -8.32
N ASP A 174 19.54 5.28 -9.35
CA ASP A 174 18.40 5.41 -10.27
C ASP A 174 17.08 4.86 -9.69
N ILE A 175 17.21 3.88 -8.82
CA ILE A 175 16.08 3.27 -8.13
C ILE A 175 16.15 3.79 -6.69
N VAL A 176 15.08 4.45 -6.27
CA VAL A 176 15.04 5.15 -4.99
C VAL A 176 14.17 4.43 -3.95
N ASP A 177 13.12 3.73 -4.38
CA ASP A 177 12.18 2.98 -3.52
C ASP A 177 11.98 1.54 -4.02
N ILE A 178 11.93 0.60 -3.09
CA ILE A 178 11.38 -0.73 -3.41
C ILE A 178 10.11 -0.87 -2.60
N GLU A 179 8.94 -0.94 -3.24
CA GLU A 179 7.68 -1.17 -2.49
C GLU A 179 7.57 -2.67 -2.44
N VAL A 180 7.39 -3.25 -1.27
CA VAL A 180 7.28 -4.70 -1.15
C VAL A 180 5.79 -5.03 -1.06
N GLY A 181 5.24 -5.57 -2.13
CA GLY A 181 3.88 -6.10 -2.13
C GLY A 181 3.68 -7.22 -1.11
N CYS A 182 2.66 -7.05 -0.26
CA CYS A 182 2.33 -7.92 0.86
C CYS A 182 0.90 -8.46 0.77
N GLY A 183 0.31 -8.37 -0.41
CA GLY A 183 -1.09 -8.71 -0.57
C GLY A 183 -1.59 -8.33 -1.92
N ALA A 184 -2.89 -8.49 -2.05
CA ALA A 184 -3.67 -8.05 -3.20
C ALA A 184 -3.40 -6.55 -3.49
N ALA A 185 -3.20 -6.24 -4.77
CA ALA A 185 -2.95 -4.87 -5.19
C ALA A 185 -1.63 -4.36 -4.60
N GLY A 186 -0.79 -5.29 -4.17
CA GLY A 186 0.44 -4.98 -3.50
C GLY A 186 0.33 -4.42 -2.10
N GLU A 187 -0.84 -4.60 -1.45
CA GLU A 187 -1.10 -3.93 -0.16
C GLU A 187 -1.08 -4.90 0.99
N LEU A 188 -0.52 -4.48 2.11
CA LEU A 188 -0.62 -5.24 3.33
C LEU A 188 -2.08 -5.21 3.90
N ARG A 189 -2.88 -6.17 3.43
CA ARG A 189 -4.24 -6.42 3.92
C ARG A 189 -4.76 -7.75 3.41
N TYR A 190 -5.90 -8.12 3.94
CA TYR A 190 -6.63 -9.27 3.42
C TYR A 190 -7.48 -8.83 2.23
N PRO A 191 -7.75 -9.78 1.28
CA PRO A 191 -8.64 -9.42 0.13
C PRO A 191 -10.16 -9.46 0.56
N SER A 192 -10.56 -8.57 1.44
CA SER A 192 -11.89 -8.62 2.04
C SER A 192 -12.99 -7.87 1.26
N TYR A 193 -12.63 -7.09 0.24
CA TYR A 193 -13.61 -6.41 -0.61
C TYR A 193 -13.33 -6.73 -2.10
N PRO A 194 -13.36 -8.04 -2.47
CA PRO A 194 -13.00 -8.46 -3.78
C PRO A 194 -14.15 -8.28 -4.77
N GLU A 195 -13.82 -7.61 -5.86
CA GLU A 195 -14.74 -7.37 -6.94
C GLU A 195 -15.06 -8.69 -7.68
N THR A 196 -14.09 -9.58 -7.76
CA THR A 196 -14.29 -10.90 -8.34
C THR A 196 -15.35 -11.74 -7.64
N GLN A 197 -15.70 -11.43 -6.39
CA GLN A 197 -16.79 -12.14 -5.70
C GLN A 197 -18.06 -11.31 -5.42
N GLY A 198 -18.24 -10.21 -6.13
CA GLY A 198 -19.45 -9.42 -6.00
C GLY A 198 -19.40 -8.20 -5.10
N TRP A 199 -18.25 -7.94 -4.46
CA TRP A 199 -18.16 -6.80 -3.53
C TRP A 199 -18.48 -5.53 -4.29
N VAL A 200 -19.22 -4.64 -3.64
CA VAL A 200 -19.49 -3.30 -4.14
C VAL A 200 -19.38 -2.30 -3.00
N PHE A 201 -18.73 -1.18 -3.25
CA PHE A 201 -18.70 -0.12 -2.28
C PHE A 201 -20.13 0.31 -1.96
N PRO A 202 -20.49 0.49 -0.68
CA PRO A 202 -19.61 0.41 0.49
C PRO A 202 -19.90 -0.85 1.35
N GLY A 203 -19.83 -2.03 0.77
CA GLY A 203 -20.04 -3.24 1.57
C GLY A 203 -19.07 -3.38 2.75
N ILE A 204 -19.50 -4.03 3.81
CA ILE A 204 -18.62 -4.30 4.95
C ILE A 204 -17.42 -5.25 4.67
N GLY A 205 -17.42 -5.94 3.55
CA GLY A 205 -16.39 -6.96 3.26
C GLY A 205 -16.66 -8.24 4.03
N GLU A 206 -15.74 -9.21 3.93
CA GLU A 206 -15.82 -10.50 4.64
C GLU A 206 -14.42 -10.95 5.07
N PHE A 207 -14.35 -11.69 6.18
CA PHE A 207 -13.09 -12.20 6.72
C PHE A 207 -12.56 -13.28 5.78
N GLN A 208 -11.22 -13.35 5.65
CA GLN A 208 -10.56 -14.17 4.63
C GLN A 208 -9.61 -15.19 5.23
N CYS A 209 -10.02 -15.79 6.34
CA CYS A 209 -9.13 -16.61 7.17
C CYS A 209 -9.47 -18.10 7.14
N TYR A 210 -10.25 -18.54 6.14
CA TYR A 210 -10.82 -19.90 6.13
C TYR A 210 -10.07 -20.95 5.32
N ASP A 211 -8.87 -20.65 4.83
CA ASP A 211 -8.03 -21.69 4.22
C ASP A 211 -7.59 -22.63 5.34
N LYS A 212 -7.33 -23.89 5.03
CA LYS A 212 -7.00 -24.88 6.04
C LYS A 212 -5.68 -24.58 6.79
N TYR A 213 -4.78 -23.82 6.21
CA TYR A 213 -3.57 -23.52 6.91
C TYR A 213 -3.84 -22.51 7.98
N MET A 214 -4.67 -21.55 7.70
CA MET A 214 -4.99 -20.54 8.68
C MET A 214 -5.97 -21.05 9.71
N VAL A 215 -6.78 -22.03 9.35
CA VAL A 215 -7.74 -22.57 10.27
C VAL A 215 -7.04 -23.47 11.27
N ALA A 216 -5.93 -24.06 10.90
CA ALA A 216 -5.19 -24.90 11.81
C ALA A 216 -4.53 -24.04 12.88
N ASP A 217 -3.96 -22.92 12.46
CA ASP A 217 -3.32 -21.98 13.33
C ASP A 217 -4.32 -21.40 14.31
N TRP A 218 -5.54 -21.18 13.86
CA TRP A 218 -6.61 -20.68 14.69
C TRP A 218 -7.04 -21.66 15.74
N LYS A 219 -7.24 -22.91 15.32
CA LYS A 219 -7.65 -23.97 16.27
C LYS A 219 -6.68 -24.09 17.45
N GLU A 220 -5.39 -24.02 17.14
CA GLU A 220 -4.33 -24.04 18.11
C GLU A 220 -4.38 -22.82 19.03
N ALA A 221 -4.43 -21.61 18.47
CA ALA A 221 -4.47 -20.38 19.28
C ALA A 221 -5.64 -20.29 20.26
N VAL A 222 -6.82 -20.67 19.79
CA VAL A 222 -8.07 -20.55 20.53
C VAL A 222 -8.11 -21.57 21.67
N LYS A 223 -7.58 -22.78 21.44
CA LYS A 223 -7.37 -23.72 22.53
C LYS A 223 -6.45 -23.19 23.62
N GLN A 224 -5.33 -22.57 23.23
CA GLN A 224 -4.34 -22.04 24.19
C GLN A 224 -4.81 -20.82 24.98
N ALA A 225 -5.91 -20.19 24.55
CA ALA A 225 -6.56 -19.13 25.35
C ALA A 225 -7.70 -19.66 26.29
N GLY A 226 -7.89 -20.98 26.29
CA GLY A 226 -8.79 -21.65 27.22
C GLY A 226 -10.20 -21.89 26.73
N ASN A 227 -10.44 -21.78 25.41
CA ASN A 227 -11.78 -21.97 24.82
C ASN A 227 -11.74 -22.76 23.52
N ALA A 228 -11.43 -24.06 23.63
CA ALA A 228 -11.36 -24.96 22.46
C ALA A 228 -12.49 -24.82 21.44
N ASP A 229 -13.73 -24.58 21.90
CA ASP A 229 -14.92 -24.59 21.01
C ASP A 229 -15.26 -23.25 20.28
N TRP A 230 -14.44 -22.20 20.45
CA TRP A 230 -14.68 -20.90 19.78
C TRP A 230 -14.40 -21.02 18.28
N GLU A 231 -15.44 -20.79 17.49
CA GLU A 231 -15.36 -20.87 16.05
C GLU A 231 -15.04 -19.48 15.48
N MET A 232 -14.48 -19.50 14.28
CA MET A 232 -14.38 -18.30 13.46
C MET A 232 -15.78 -17.81 13.16
N PRO A 233 -15.94 -16.51 12.92
CA PRO A 233 -17.28 -16.03 12.71
C PRO A 233 -18.01 -16.80 11.61
N GLY A 234 -19.34 -16.92 11.77
CA GLY A 234 -20.22 -17.55 10.78
C GLY A 234 -21.22 -16.57 10.18
N LYS A 235 -22.44 -17.06 9.98
CA LYS A 235 -23.49 -16.28 9.35
C LYS A 235 -23.73 -14.96 10.05
N GLY A 236 -23.42 -14.88 11.34
CA GLY A 236 -23.52 -13.62 12.05
C GLY A 236 -22.69 -12.48 11.51
N ALA A 237 -21.55 -12.78 10.88
CA ALA A 237 -20.73 -11.79 10.16
C ALA A 237 -21.37 -11.13 8.94
N GLY A 238 -22.42 -11.77 8.40
CA GLY A 238 -23.07 -11.34 7.14
C GLY A 238 -22.20 -11.66 5.93
N THR A 239 -22.43 -10.98 4.81
CA THR A 239 -21.67 -11.14 3.58
C THR A 239 -21.17 -9.79 3.07
N TYR A 240 -20.38 -9.83 2.02
CA TYR A 240 -19.64 -8.67 1.50
C TYR A 240 -20.38 -7.37 1.43
N ASN A 241 -21.65 -7.39 1.00
CA ASN A 241 -22.39 -6.13 0.73
C ASN A 241 -23.40 -5.77 1.80
N ASP A 242 -23.37 -6.47 2.93
CA ASP A 242 -24.11 -6.02 4.11
C ASP A 242 -23.68 -4.65 4.67
N THR A 243 -24.53 -4.19 5.55
CA THR A 243 -24.36 -2.99 6.32
C THR A 243 -24.05 -3.48 7.74
N PRO A 244 -23.28 -2.71 8.53
CA PRO A 244 -22.97 -3.23 9.85
C PRO A 244 -24.24 -3.57 10.68
N ASP A 245 -25.22 -2.66 10.71
CA ASP A 245 -26.40 -2.85 11.58
C ASP A 245 -27.29 -4.04 11.20
N LYS A 246 -27.14 -4.56 9.99
CA LYS A 246 -27.84 -5.75 9.55
C LYS A 246 -27.14 -7.06 9.89
N THR A 247 -26.10 -7.01 10.71
CA THR A 247 -25.39 -8.21 11.12
C THR A 247 -25.37 -8.30 12.62
N GLU A 248 -25.22 -9.53 13.08
CA GLU A 248 -24.95 -9.79 14.48
C GLU A 248 -23.49 -9.40 14.84
N PHE A 249 -22.53 -9.63 13.94
CA PHE A 249 -21.13 -9.46 14.30
C PHE A 249 -20.73 -7.97 14.47
N PHE A 250 -21.23 -7.10 13.59
CA PHE A 250 -20.79 -5.68 13.55
C PHE A 250 -21.78 -4.63 14.05
N ARG A 251 -22.99 -5.04 14.44
CA ARG A 251 -23.96 -4.07 15.00
C ARG A 251 -23.46 -3.49 16.30
N PRO A 252 -24.04 -2.35 16.74
CA PRO A 252 -23.60 -1.87 18.04
C PRO A 252 -23.86 -2.96 19.07
N ASN A 253 -22.88 -3.18 19.93
CA ASN A 253 -22.96 -4.22 20.95
C ASN A 253 -22.98 -5.64 20.36
N GLY A 254 -22.41 -5.79 19.17
CA GLY A 254 -22.43 -7.04 18.47
C GLY A 254 -21.34 -7.94 18.97
N THR A 255 -21.17 -9.07 18.29
CA THR A 255 -20.11 -9.99 18.63
C THR A 255 -18.67 -9.40 18.65
N TYR A 256 -18.42 -8.33 17.89
CA TYR A 256 -17.04 -7.81 17.75
C TYR A 256 -16.49 -7.27 19.07
N LYS A 257 -17.41 -6.93 19.97
CA LYS A 257 -17.13 -6.31 21.26
C LYS A 257 -17.05 -7.38 22.39
N THR A 258 -17.43 -8.63 22.14
CA THR A 258 -17.31 -9.70 23.16
C THR A 258 -15.91 -10.20 23.27
N ASP A 259 -15.69 -11.06 24.26
CA ASP A 259 -14.36 -11.61 24.48
C ASP A 259 -13.95 -12.43 23.28
N MET A 260 -14.84 -13.30 22.83
CA MET A 260 -14.66 -14.09 21.59
C MET A 260 -14.29 -13.23 20.38
N GLY A 261 -15.03 -12.14 20.16
CA GLY A 261 -14.77 -11.22 19.06
C GLY A 261 -13.44 -10.50 19.10
N LYS A 262 -13.09 -10.01 20.28
CA LYS A 262 -11.81 -9.38 20.46
C LYS A 262 -10.68 -10.37 20.19
N PHE A 263 -10.85 -11.60 20.68
CA PHE A 263 -9.80 -12.58 20.58
C PHE A 263 -9.56 -12.86 19.13
N PHE A 264 -10.65 -13.11 18.42
CA PHE A 264 -10.58 -13.40 17.00
C PHE A 264 -10.00 -12.24 16.16
N LEU A 265 -10.44 -11.02 16.45
CA LEU A 265 -9.94 -9.86 15.73
C LEU A 265 -8.46 -9.61 16.04
N THR A 266 -8.04 -9.86 17.27
CA THR A 266 -6.63 -9.76 17.68
C THR A 266 -5.73 -10.71 16.88
N TRP A 267 -6.14 -11.97 16.82
CA TRP A 267 -5.48 -13.02 16.04
C TRP A 267 -5.41 -12.67 14.56
N TYR A 268 -6.57 -12.29 14.01
CA TYR A 268 -6.68 -12.01 12.59
C TYR A 268 -5.78 -10.88 12.17
N SER A 269 -5.81 -9.79 12.94
CA SER A 269 -4.93 -8.67 12.65
C SER A 269 -3.47 -8.96 13.00
N ASN A 270 -3.21 -9.79 14.02
CA ASN A 270 -1.82 -10.17 14.34
C ASN A 270 -1.19 -11.01 13.23
N LYS A 271 -1.98 -11.88 12.58
CA LYS A 271 -1.44 -12.69 11.52
C LYS A 271 -1.00 -11.82 10.36
N LEU A 272 -1.81 -10.79 10.08
CA LEU A 272 -1.47 -9.84 9.01
C LEU A 272 -0.15 -9.13 9.30
N ILE A 273 -0.01 -8.67 10.54
CA ILE A 273 1.20 -7.98 10.99
C ILE A 273 2.45 -8.88 10.97
N ILE A 274 2.31 -10.11 11.42
CA ILE A 274 3.40 -11.08 11.40
C ILE A 274 3.81 -11.37 9.96
N HIS A 275 2.86 -11.59 9.09
CA HIS A 275 3.14 -11.67 7.66
C HIS A 275 3.96 -10.47 7.11
N GLY A 276 3.60 -9.25 7.53
CA GLY A 276 4.27 -8.04 7.05
C GLY A 276 5.69 -8.01 7.53
N ASP A 277 5.83 -8.31 8.82
CA ASP A 277 7.11 -8.46 9.46
C ASP A 277 8.06 -9.46 8.77
N GLN A 278 7.55 -10.63 8.36
CA GLN A 278 8.41 -11.69 7.78
C GLN A 278 8.79 -11.36 6.35
N VAL A 279 7.85 -10.78 5.61
CA VAL A 279 8.11 -10.33 4.25
C VAL A 279 9.14 -9.14 4.18
N LEU A 280 8.98 -8.14 5.05
CA LEU A 280 9.88 -7.00 5.05
C LEU A 280 11.24 -7.37 5.61
N GLU A 281 11.30 -8.42 6.42
CA GLU A 281 12.57 -8.92 6.93
C GLU A 281 13.42 -9.45 5.77
N GLU A 282 12.80 -10.24 4.89
CA GLU A 282 13.52 -10.72 3.70
C GLU A 282 13.99 -9.51 2.87
N ALA A 283 13.09 -8.54 2.69
CA ALA A 283 13.45 -7.32 1.96
C ALA A 283 14.62 -6.60 2.58
N ASN A 284 14.61 -6.45 3.90
CA ASN A 284 15.69 -5.78 4.58
C ASN A 284 17.02 -6.58 4.49
N LYS A 285 16.96 -7.91 4.64
CA LYS A 285 18.13 -8.78 4.44
C LYS A 285 18.79 -8.61 3.07
N VAL A 286 17.96 -8.45 2.05
CA VAL A 286 18.39 -8.26 0.68
C VAL A 286 18.94 -6.89 0.36
N PHE A 287 18.31 -5.82 0.80
CA PHE A 287 18.71 -4.45 0.40
C PHE A 287 19.53 -3.67 1.43
N VAL A 288 19.89 -4.31 2.54
CA VAL A 288 20.74 -3.68 3.58
C VAL A 288 21.95 -3.00 2.98
N GLY A 289 22.24 -1.81 3.48
CA GLY A 289 23.41 -1.07 3.10
C GLY A 289 23.41 -0.51 1.70
N LEU A 290 22.24 -0.49 1.04
CA LEU A 290 22.05 0.20 -0.23
C LEU A 290 21.31 1.48 0.00
N ARG A 291 21.59 2.48 -0.83
CA ARG A 291 20.88 3.77 -0.71
C ARG A 291 19.52 3.61 -1.38
N VAL A 292 18.58 2.98 -0.69
CA VAL A 292 17.24 2.76 -1.24
C VAL A 292 16.25 2.65 -0.08
N ASN A 293 15.03 3.21 -0.21
CA ASN A 293 14.00 3.05 0.85
C ASN A 293 13.30 1.74 0.55
N ILE A 294 12.84 1.07 1.60
CA ILE A 294 11.91 -0.03 1.45
C ILE A 294 10.58 0.48 2.01
N ALA A 295 9.49 -0.05 1.48
CA ALA A 295 8.15 0.48 1.77
C ALA A 295 7.12 -0.60 1.82
N ALA A 296 6.10 -0.42 2.64
CA ALA A 296 4.94 -1.26 2.50
C ALA A 296 3.68 -0.42 2.23
N LYS A 297 2.71 -1.00 1.51
CA LYS A 297 1.54 -0.25 1.08
C LYS A 297 0.38 -0.62 2.00
N VAL A 298 -0.26 0.41 2.55
CA VAL A 298 -1.45 0.23 3.36
C VAL A 298 -2.63 0.92 2.69
N SER A 299 -3.64 0.11 2.35
CA SER A 299 -4.92 0.62 1.84
C SER A 299 -5.70 1.44 2.87
N GLY A 300 -6.43 2.43 2.37
CA GLY A 300 -7.25 3.30 3.21
C GLY A 300 -8.69 2.84 3.19
N ILE A 301 -9.10 2.08 4.19
CA ILE A 301 -10.48 1.61 4.29
C ILE A 301 -11.31 2.60 5.13
N HIS A 302 -11.83 3.59 4.42
CA HIS A 302 -12.44 4.76 5.03
C HIS A 302 -13.98 4.62 5.24
N TRP A 303 -14.56 3.60 4.64
CA TRP A 303 -16.00 3.34 4.77
C TRP A 303 -16.27 2.57 6.06
N TRP A 304 -17.32 3.00 6.75
CA TRP A 304 -17.68 2.56 8.12
C TRP A 304 -16.77 3.00 9.29
N TYR A 305 -15.89 3.97 9.05
CA TYR A 305 -14.99 4.49 10.07
C TYR A 305 -15.73 5.30 11.11
N ASN A 306 -16.76 6.02 10.69
CA ASN A 306 -17.66 6.67 11.65
C ASN A 306 -18.71 5.73 12.21
N HIS A 307 -18.68 4.44 11.88
CA HIS A 307 -19.49 3.45 12.60
C HIS A 307 -18.61 2.88 13.70
N VAL A 308 -19.22 2.54 14.84
CA VAL A 308 -18.47 2.07 16.01
C VAL A 308 -17.67 0.83 15.71
N SER A 309 -18.22 -0.02 14.83
CA SER A 309 -17.61 -1.29 14.50
C SER A 309 -16.40 -1.21 13.55
N HIS A 310 -16.24 -0.09 12.84
CA HIS A 310 -15.19 0.06 11.81
C HIS A 310 -15.13 -1.22 10.94
N ALA A 311 -16.30 -1.71 10.51
CA ALA A 311 -16.43 -3.07 9.99
C ALA A 311 -15.54 -3.40 8.80
N ALA A 312 -15.38 -2.45 7.87
CA ALA A 312 -14.61 -2.71 6.66
C ALA A 312 -13.09 -2.73 6.94
N GLU A 313 -12.61 -1.90 7.86
CA GLU A 313 -11.25 -2.04 8.41
C GLU A 313 -11.00 -3.38 9.04
N LEU A 314 -11.97 -3.85 9.81
CA LEU A 314 -11.80 -5.13 10.48
C LEU A 314 -11.68 -6.29 9.50
N THR A 315 -12.53 -6.35 8.47
CA THR A 315 -12.46 -7.50 7.55
C THR A 315 -11.15 -7.45 6.76
N ALA A 316 -10.67 -6.22 6.53
CA ALA A 316 -9.42 -5.98 5.82
C ALA A 316 -8.20 -6.37 6.61
N GLY A 317 -8.35 -6.49 7.91
CA GLY A 317 -7.25 -6.87 8.83
C GLY A 317 -6.78 -5.77 9.77
N PHE A 318 -7.38 -4.59 9.73
CA PHE A 318 -6.97 -3.46 10.60
C PHE A 318 -7.90 -3.37 11.80
N TYR A 319 -7.41 -3.81 12.98
CA TYR A 319 -8.27 -3.88 14.16
C TYR A 319 -8.22 -2.51 14.83
N ASN A 320 -8.92 -1.57 14.20
CA ASN A 320 -8.94 -0.17 14.55
C ASN A 320 -10.38 0.19 15.01
N VAL A 321 -10.59 0.25 16.32
CA VAL A 321 -11.85 0.70 16.94
C VAL A 321 -11.55 1.75 17.99
N ALA A 322 -12.60 2.29 18.59
CA ALA A 322 -12.45 3.23 19.70
C ALA A 322 -11.58 2.63 20.81
N GLY A 323 -10.54 3.37 21.22
CA GLY A 323 -9.59 2.89 22.22
C GLY A 323 -8.64 1.77 21.79
N ARG A 324 -8.67 1.38 20.51
CA ARG A 324 -7.64 0.50 19.91
C ARG A 324 -7.13 1.04 18.55
N ASP A 325 -5.95 1.63 18.53
CA ASP A 325 -5.34 2.13 17.28
C ASP A 325 -4.81 0.87 16.55
N GLY A 326 -5.39 0.59 15.37
CA GLY A 326 -5.00 -0.56 14.57
C GLY A 326 -3.86 -0.30 13.59
N TYR A 327 -3.44 0.96 13.45
CA TYR A 327 -2.40 1.34 12.46
C TYR A 327 -1.02 1.55 13.09
N ARG A 328 -0.99 1.94 14.36
CA ARG A 328 0.26 2.15 15.06
C ARG A 328 1.10 0.89 15.33
N PRO A 329 0.45 -0.23 15.64
CA PRO A 329 1.21 -1.46 15.69
C PRO A 329 1.93 -1.78 14.37
N ILE A 330 1.28 -1.51 13.24
CA ILE A 330 1.88 -1.73 11.92
C ILE A 330 3.09 -0.80 11.64
N ALA A 331 2.93 0.51 11.93
CA ALA A 331 3.98 1.48 11.84
C ALA A 331 5.16 1.10 12.74
N ARG A 332 4.90 0.59 13.94
CA ARG A 332 5.99 0.10 14.79
C ARG A 332 6.72 -1.10 14.18
N MET A 333 5.96 -2.06 13.65
CA MET A 333 6.57 -3.17 12.96
C MET A 333 7.46 -2.65 11.79
N LEU A 334 6.93 -1.74 10.97
CA LEU A 334 7.69 -1.11 9.90
C LEU A 334 9.04 -0.50 10.37
N ALA A 335 8.98 0.23 11.50
CA ALA A 335 10.12 0.92 12.11
C ALA A 335 11.30 -0.02 12.47
N ARG A 336 10.96 -1.26 12.78
CA ARG A 336 11.93 -2.27 13.13
C ARG A 336 12.82 -2.53 11.91
N HIS A 337 12.20 -2.59 10.72
CA HIS A 337 12.90 -2.72 9.45
C HIS A 337 13.31 -1.39 8.72
N HIS A 338 13.17 -0.23 9.36
CA HIS A 338 13.54 1.05 8.72
C HIS A 338 12.79 1.30 7.40
N ALA A 339 11.53 0.87 7.35
CA ALA A 339 10.73 0.97 6.16
C ALA A 339 9.77 2.13 6.21
N THR A 340 9.25 2.47 5.06
CA THR A 340 8.34 3.59 4.86
C THR A 340 6.88 3.09 4.80
N LEU A 341 5.96 3.91 5.28
CA LEU A 341 4.54 3.56 5.24
C LEU A 341 4.04 4.28 4.05
N ASN A 342 3.54 3.54 3.05
CA ASN A 342 2.89 4.16 1.90
C ASN A 342 1.35 3.96 2.02
N PHE A 343 0.65 5.06 2.26
CA PHE A 343 -0.78 5.05 2.47
C PHE A 343 -1.45 5.43 1.13
N THR A 344 -2.34 4.58 0.62
CA THR A 344 -2.82 4.69 -0.75
C THR A 344 -4.20 5.32 -0.91
N CYS A 345 -4.61 6.20 -0.01
CA CYS A 345 -5.88 6.94 -0.17
C CYS A 345 -5.84 8.43 0.32
N LEU A 346 -4.98 9.22 -0.31
CA LEU A 346 -4.72 10.64 0.06
C LEU A 346 -5.59 11.83 -0.44
N GLU A 347 -6.47 11.61 -1.41
CA GLU A 347 -7.10 12.72 -2.15
C GLU A 347 -8.53 13.05 -1.75
N MET A 348 -9.13 12.20 -0.92
CA MET A 348 -10.57 12.19 -0.72
C MET A 348 -11.01 13.13 0.36
N ARG A 349 -12.20 13.68 0.15
CA ARG A 349 -12.92 14.39 1.18
C ARG A 349 -14.16 13.62 1.58
N ASP A 350 -14.48 13.72 2.87
CA ASP A 350 -15.70 13.21 3.48
C ASP A 350 -17.00 13.62 2.75
N SER A 351 -17.09 14.87 2.29
CA SER A 351 -18.30 15.38 1.64
C SER A 351 -18.53 14.77 0.25
N GLU A 352 -17.49 14.21 -0.35
CA GLU A 352 -17.60 13.49 -1.64
C GLU A 352 -18.19 12.06 -1.52
N GLN A 353 -18.47 11.58 -0.31
CA GLN A 353 -18.94 10.18 -0.11
C GLN A 353 -20.38 10.19 0.37
N PRO A 354 -21.15 9.16 0.02
CA PRO A 354 -22.55 9.11 0.49
C PRO A 354 -22.65 8.91 1.98
N ALA A 355 -23.63 9.57 2.60
CA ALA A 355 -23.76 9.58 4.07
C ALA A 355 -24.00 8.25 4.76
N GLU A 356 -24.65 7.33 4.07
CA GLU A 356 -24.96 5.96 4.59
C GLU A 356 -23.70 5.11 4.72
N ALA A 357 -22.66 5.46 3.96
CA ALA A 357 -21.37 4.80 4.03
C ALA A 357 -20.55 5.09 5.29
N LYS A 358 -20.94 6.10 6.09
CA LYS A 358 -20.29 6.39 7.37
C LYS A 358 -18.77 6.51 7.16
N SER A 359 -18.42 7.29 6.14
CA SER A 359 -17.09 7.30 5.62
C SER A 359 -16.30 8.56 6.04
N ALA A 360 -15.04 8.37 6.42
CA ALA A 360 -14.23 9.44 6.97
C ALA A 360 -12.76 9.35 6.52
N PRO A 361 -12.54 9.53 5.22
CA PRO A 361 -11.18 9.48 4.71
C PRO A 361 -10.24 10.56 5.32
N GLN A 362 -10.76 11.74 5.60
CA GLN A 362 -9.91 12.81 6.09
C GLN A 362 -9.32 12.45 7.47
N GLU A 363 -10.22 12.06 8.37
CA GLU A 363 -9.87 11.57 9.69
C GLU A 363 -9.04 10.29 9.61
N LEU A 364 -9.26 9.44 8.59
CA LEU A 364 -8.52 8.18 8.47
C LEU A 364 -7.03 8.48 8.13
N VAL A 365 -6.84 9.38 7.19
CA VAL A 365 -5.54 9.82 6.80
C VAL A 365 -4.81 10.39 7.98
N GLN A 366 -5.50 11.18 8.80
CA GLN A 366 -4.86 11.92 9.87
C GLN A 366 -4.42 10.90 10.93
N GLN A 367 -5.27 9.93 11.23
CA GLN A 367 -4.86 8.84 12.13
C GLN A 367 -3.62 8.07 11.61
N VAL A 368 -3.56 7.72 10.36
CA VAL A 368 -2.47 6.85 9.90
C VAL A 368 -1.16 7.59 9.74
N LEU A 369 -1.17 8.73 9.09
CA LEU A 369 0.02 9.60 9.05
C LEU A 369 0.54 9.96 10.45
N SER A 370 -0.37 10.32 11.35
CA SER A 370 0.03 10.64 12.72
C SER A 370 0.72 9.45 13.36
N SER A 371 0.09 8.28 13.35
CA SER A 371 0.68 7.10 13.95
C SER A 371 2.04 6.70 13.31
N GLY A 372 2.19 6.86 12.01
CA GLY A 372 3.47 6.58 11.39
C GLY A 372 4.57 7.54 11.86
N TRP A 373 4.26 8.83 11.91
CA TRP A 373 5.25 9.82 12.33
C TRP A 373 5.63 9.61 13.78
N LYS A 374 4.68 9.16 14.59
CA LYS A 374 4.93 8.89 15.98
C LYS A 374 5.81 7.67 16.23
N GLU A 375 5.95 6.76 15.26
CA GLU A 375 6.87 5.60 15.36
C GLU A 375 8.19 5.85 14.63
N TYR A 376 8.44 7.13 14.33
CA TYR A 376 9.65 7.61 13.73
C TYR A 376 9.97 6.95 12.40
N ILE A 377 8.95 6.80 11.55
CA ILE A 377 9.13 6.34 10.16
C ILE A 377 8.60 7.41 9.22
N ASP A 378 9.06 7.37 7.96
CA ASP A 378 8.49 8.18 6.87
C ASP A 378 7.16 7.66 6.35
N VAL A 379 6.33 8.59 5.89
CA VAL A 379 5.07 8.25 5.30
C VAL A 379 4.96 8.91 3.93
N ALA A 380 4.82 8.05 2.90
CA ALA A 380 4.52 8.44 1.53
C ALA A 380 3.06 8.09 1.24
N GLY A 381 2.60 8.43 0.05
CA GLY A 381 1.21 8.34 -0.29
C GLY A 381 0.90 8.26 -1.75
N GLU A 382 -0.36 7.94 -2.05
CA GLU A 382 -0.91 7.81 -3.35
C GLU A 382 -2.38 8.19 -3.27
N ASN A 383 -2.95 8.57 -4.41
CA ASN A 383 -4.40 8.69 -4.56
C ASN A 383 -5.04 7.34 -4.90
N ALA A 384 -6.26 7.17 -4.44
CA ALA A 384 -6.98 5.92 -4.55
C ALA A 384 -7.66 5.82 -5.90
N LEU A 385 -8.16 6.97 -6.38
CA LEU A 385 -8.91 7.02 -7.64
C LEU A 385 -8.35 8.05 -8.60
N PRO A 386 -8.55 7.83 -9.93
CA PRO A 386 -8.00 8.81 -10.87
C PRO A 386 -8.73 10.14 -10.74
N ARG A 387 -7.98 11.23 -10.59
CA ARG A 387 -8.58 12.54 -10.33
C ARG A 387 -7.79 13.63 -11.05
N TYR A 388 -8.52 14.59 -11.61
CA TYR A 388 -7.93 15.62 -12.48
C TYR A 388 -8.28 17.04 -12.09
N ASP A 389 -8.99 17.22 -10.99
CA ASP A 389 -9.63 18.49 -10.66
C ASP A 389 -8.84 19.17 -9.55
N ALA A 390 -9.09 20.47 -9.35
CA ALA A 390 -8.39 21.29 -8.33
C ALA A 390 -8.66 20.81 -6.90
N THR A 391 -9.88 20.42 -6.61
CA THR A 391 -10.23 19.96 -5.27
C THR A 391 -9.38 18.78 -4.81
N ALA A 392 -9.16 17.82 -5.71
CA ALA A 392 -8.34 16.63 -5.39
C ALA A 392 -6.87 17.00 -5.22
N TYR A 393 -6.34 17.85 -6.11
CA TYR A 393 -4.93 18.27 -6.00
C TYR A 393 -4.75 19.10 -4.73
N ASN A 394 -5.74 19.89 -4.34
CA ASN A 394 -5.58 20.67 -3.10
C ASN A 394 -5.66 19.83 -1.84
N GLN A 395 -6.42 18.74 -1.86
CA GLN A 395 -6.50 17.83 -0.70
C GLN A 395 -5.19 17.03 -0.54
N MET A 396 -4.61 16.58 -1.65
CA MET A 396 -3.31 15.90 -1.58
C MET A 396 -2.23 16.85 -1.07
N LEU A 397 -2.25 18.09 -1.56
CA LEU A 397 -1.36 19.16 -1.05
C LEU A 397 -1.50 19.42 0.47
N LEU A 398 -2.72 19.42 1.00
CA LEU A 398 -2.92 19.49 2.45
C LEU A 398 -2.25 18.34 3.20
N ASN A 399 -2.54 17.10 2.79
CA ASN A 399 -1.95 15.90 3.41
C ASN A 399 -0.42 15.79 3.29
N VAL A 400 0.21 16.19 2.20
CA VAL A 400 1.68 16.12 2.16
C VAL A 400 2.36 17.06 3.16
N ARG A 401 1.69 18.17 3.50
CA ARG A 401 2.22 19.15 4.44
C ARG A 401 1.07 19.70 5.29
N PRO A 402 0.64 18.93 6.32
CA PRO A 402 -0.60 19.29 7.01
C PRO A 402 -0.54 20.50 7.91
N ASN A 403 0.66 21.07 8.14
CA ASN A 403 0.75 22.37 8.82
C ASN A 403 1.38 23.41 7.90
N GLY A 404 1.23 23.21 6.59
CA GLY A 404 1.87 24.06 5.61
C GLY A 404 3.40 24.11 5.55
N VAL A 405 3.88 25.07 4.77
CA VAL A 405 5.27 25.34 4.62
C VAL A 405 5.89 25.96 5.89
N ASN A 406 7.18 25.71 6.08
CA ASN A 406 7.92 26.29 7.18
C ASN A 406 9.03 27.12 6.54
N LEU A 407 8.94 28.45 6.68
CA LEU A 407 9.98 29.36 6.17
C LEU A 407 11.26 29.40 7.01
N ASN A 408 11.29 28.70 8.15
CA ASN A 408 12.50 28.59 8.98
C ASN A 408 13.20 27.27 8.87
N GLY A 409 12.65 26.31 8.11
CA GLY A 409 13.36 25.07 7.89
C GLY A 409 12.42 23.96 7.47
N PRO A 410 12.86 22.70 7.63
CA PRO A 410 11.95 21.58 7.31
C PRO A 410 10.63 21.65 8.12
N PRO A 411 9.48 21.43 7.47
CA PRO A 411 8.22 21.43 8.22
C PRO A 411 8.12 20.36 9.31
N LYS A 412 7.29 20.65 10.31
CA LYS A 412 7.00 19.74 11.37
C LYS A 412 6.53 18.36 10.82
N LEU A 413 5.53 18.40 9.97
CA LEU A 413 4.87 17.27 9.40
C LEU A 413 5.00 17.37 7.88
N LYS A 414 5.65 16.36 7.31
CA LYS A 414 5.82 16.32 5.87
C LYS A 414 5.80 14.90 5.36
N MET A 415 5.07 14.61 4.28
CA MET A 415 5.16 13.30 3.63
C MET A 415 6.49 13.18 2.85
N SER A 416 7.01 11.95 2.73
CA SER A 416 8.32 11.69 2.08
C SER A 416 8.23 11.66 0.56
N GLY A 417 6.99 11.50 0.05
CA GLY A 417 6.73 11.50 -1.38
C GLY A 417 5.27 11.19 -1.69
N LEU A 418 4.87 11.48 -2.94
CA LEU A 418 3.55 11.18 -3.44
C LEU A 418 3.67 10.54 -4.84
N THR A 419 3.02 9.41 -5.04
CA THR A 419 2.95 8.72 -6.33
C THR A 419 1.52 8.84 -6.89
N TYR A 420 1.40 9.42 -8.08
CA TYR A 420 0.15 9.77 -8.67
C TYR A 420 -0.34 8.67 -9.60
N LEU A 421 -1.64 8.36 -9.48
CA LEU A 421 -2.31 7.35 -10.30
C LEU A 421 -3.15 8.10 -11.33
N ARG A 422 -2.84 8.06 -12.62
CA ARG A 422 -1.78 7.26 -13.27
C ARG A 422 -1.36 7.99 -14.54
N LEU A 423 -0.20 7.68 -15.08
CA LEU A 423 0.12 8.14 -16.46
C LEU A 423 -0.91 7.55 -17.43
N SER A 424 -1.59 8.43 -18.16
CA SER A 424 -2.63 8.01 -19.11
C SER A 424 -2.92 9.11 -20.16
N ASP A 425 -3.75 8.77 -21.16
CA ASP A 425 -4.12 9.74 -22.20
C ASP A 425 -4.97 10.86 -21.64
N ASP A 426 -5.87 10.53 -20.72
CA ASP A 426 -6.64 11.54 -19.98
C ASP A 426 -5.76 12.53 -19.20
N LEU A 427 -4.64 12.07 -18.67
CA LEU A 427 -3.78 12.98 -17.89
C LEU A 427 -3.01 13.95 -18.80
N LEU A 428 -2.61 13.49 -19.99
CA LEU A 428 -1.80 14.30 -20.94
C LEU A 428 -2.62 15.25 -21.83
N GLN A 429 -3.95 15.06 -21.87
CA GLN A 429 -4.88 16.02 -22.47
C GLN A 429 -4.60 17.46 -21.97
N THR A 430 -4.27 18.35 -22.91
CA THR A 430 -3.76 19.74 -22.66
C THR A 430 -4.23 20.46 -21.36
N ASP A 431 -5.56 20.62 -21.17
CA ASP A 431 -6.12 21.28 -19.97
C ASP A 431 -5.80 20.53 -18.65
N ASN A 432 -6.21 19.26 -18.54
CA ASN A 432 -5.81 18.35 -17.46
C ASN A 432 -4.35 18.40 -17.09
N PHE A 433 -3.46 18.30 -18.08
CA PHE A 433 -2.02 18.33 -17.85
C PHE A 433 -1.46 19.70 -17.47
N GLU A 434 -2.13 20.79 -17.85
CA GLU A 434 -1.71 22.11 -17.35
C GLU A 434 -1.96 22.24 -15.83
N LEU A 435 -3.13 21.81 -15.38
CA LEU A 435 -3.43 21.79 -13.96
C LEU A 435 -2.40 20.93 -13.19
N PHE A 436 -2.12 19.74 -13.72
CA PHE A 436 -1.13 18.84 -13.17
C PHE A 436 0.27 19.43 -13.01
N LYS A 437 0.73 20.19 -13.98
CA LYS A 437 1.99 20.95 -13.84
C LYS A 437 1.98 22.03 -12.73
N LYS A 438 0.80 22.60 -12.44
CA LYS A 438 0.67 23.50 -11.28
C LYS A 438 0.75 22.71 -9.96
N PHE A 439 0.09 21.56 -9.91
CA PHE A 439 0.15 20.67 -8.75
C PHE A 439 1.58 20.25 -8.46
N VAL A 440 2.35 19.87 -9.46
CA VAL A 440 3.73 19.47 -9.23
C VAL A 440 4.55 20.63 -8.64
N LYS A 441 4.42 21.83 -9.22
CA LYS A 441 5.13 23.03 -8.73
C LYS A 441 4.79 23.31 -7.27
N LYS A 442 3.50 23.17 -6.91
CA LYS A 442 3.06 23.25 -5.51
C LYS A 442 3.59 22.15 -4.57
N MET A 443 3.60 20.90 -5.03
CA MET A 443 4.25 19.76 -4.32
C MET A 443 5.70 20.08 -4.04
N HIS A 444 6.38 20.66 -5.02
CA HIS A 444 7.77 21.14 -4.85
C HIS A 444 7.89 22.45 -4.03
N ALA A 445 6.76 22.93 -3.51
CA ALA A 445 6.65 24.20 -2.81
C ALA A 445 7.27 25.41 -3.55
N ASP A 446 6.96 25.52 -4.83
CA ASP A 446 7.40 26.58 -5.76
C ASP A 446 8.91 26.63 -6.07
N LEU A 447 9.66 25.65 -5.57
CA LEU A 447 11.03 25.46 -5.99
C LEU A 447 10.96 24.77 -7.35
N ASP A 448 12.08 24.77 -8.06
CA ASP A 448 12.22 24.06 -9.33
C ASP A 448 12.61 22.60 -8.99
N PRO A 449 12.33 21.65 -9.92
CA PRO A 449 12.75 20.23 -9.74
C PRO A 449 14.23 20.05 -9.43
N SER A 450 14.60 19.02 -8.65
CA SER A 450 16.02 18.64 -8.39
C SER A 450 16.69 17.86 -9.53
N SER A 455 20.86 9.52 -2.64
CA SER A 455 19.91 10.54 -2.14
C SER A 455 19.08 10.09 -0.91
N PRO A 456 18.44 8.89 -0.98
CA PRO A 456 17.87 8.38 0.28
C PRO A 456 19.02 7.99 1.24
N ALA A 457 18.66 7.68 2.48
CA ALA A 457 19.63 7.17 3.44
C ALA A 457 20.07 5.75 3.05
N VAL A 458 21.16 5.31 3.66
CA VAL A 458 21.64 3.94 3.57
C VAL A 458 20.69 3.13 4.46
N LEU A 459 20.19 2.02 3.91
CA LEU A 459 19.25 1.20 4.66
C LEU A 459 19.94 0.48 5.81
N GLU A 460 19.50 0.76 7.03
CA GLU A 460 20.01 0.05 8.21
C GLU A 460 19.51 -1.37 8.30
N ARG A 461 20.27 -2.20 8.99
CA ARG A 461 19.89 -3.56 9.26
C ARG A 461 18.71 -3.56 10.27
N SER A 462 17.71 -4.40 10.03
CA SER A 462 16.57 -4.56 10.94
C SER A 462 16.95 -4.64 12.43
N ASN A 463 16.20 -3.91 13.26
CA ASN A 463 16.40 -3.93 14.69
C ASN A 463 15.91 -5.28 15.23
N SER A 464 16.06 -5.46 16.53
CA SER A 464 15.61 -6.67 17.24
C SER A 464 14.14 -6.97 17.06
N ALA A 465 13.85 -8.27 17.02
CA ALA A 465 12.47 -8.74 16.89
C ALA A 465 11.68 -8.20 18.05
N ILE A 466 10.54 -7.60 17.76
CA ILE A 466 9.63 -7.16 18.82
C ILE A 466 8.67 -8.33 19.05
N THR A 467 8.52 -8.77 20.29
CA THR A 467 7.51 -9.81 20.63
C THR A 467 6.08 -9.26 20.63
N ILE A 468 5.13 -10.13 20.39
CA ILE A 468 3.75 -9.74 20.12
C ILE A 468 3.12 -8.84 21.18
N ASP A 469 3.42 -9.05 22.46
CA ASP A 469 2.83 -8.18 23.49
C ASP A 469 3.45 -6.77 23.59
N GLU A 470 4.68 -6.60 23.13
CA GLU A 470 5.29 -5.25 23.05
C GLU A 470 4.77 -4.44 21.87
N LEU A 471 4.28 -5.16 20.88
CA LEU A 471 3.59 -4.56 19.74
C LEU A 471 2.19 -4.13 20.10
N MET A 472 1.51 -4.88 20.96
CA MET A 472 0.20 -4.51 21.47
C MET A 472 0.22 -3.28 22.37
N GLU A 473 1.37 -2.95 22.96
CA GLU A 473 1.51 -1.69 23.68
C GLU A 473 1.20 -0.50 22.76
N ALA A 474 1.49 -0.66 21.47
CA ALA A 474 1.16 0.34 20.45
C ALA A 474 -0.32 0.56 20.07
N THR A 475 -1.20 -0.29 20.52
CA THR A 475 -2.66 -0.11 20.30
C THR A 475 -3.28 0.89 21.24
N LYS A 476 -2.54 1.42 22.21
CA LYS A 476 -3.03 2.49 23.06
C LYS A 476 -3.47 3.68 22.18
N GLY A 477 -4.77 3.98 22.17
CA GLY A 477 -5.27 5.08 21.37
C GLY A 477 -4.66 6.39 21.81
N SER A 478 -4.48 7.35 20.90
CA SER A 478 -3.89 8.66 21.28
C SER A 478 -4.45 9.77 20.45
N ARG A 479 -4.13 11.00 20.83
CA ARG A 479 -4.57 12.14 20.03
C ARG A 479 -3.72 12.28 18.76
N PRO A 480 -4.34 12.47 17.57
CA PRO A 480 -3.54 12.71 16.34
C PRO A 480 -3.02 14.15 16.22
N PHE A 481 -2.04 14.39 15.37
CA PHE A 481 -1.54 15.76 15.23
C PHE A 481 -2.63 16.64 14.62
N PRO A 482 -2.71 17.90 15.03
CA PRO A 482 -3.67 18.81 14.39
C PRO A 482 -3.32 19.10 12.93
N TRP A 483 -4.36 19.13 12.12
CA TRP A 483 -4.30 19.34 10.68
C TRP A 483 -4.83 20.75 10.40
N TYR A 484 -4.24 21.46 9.46
CA TYR A 484 -4.88 22.63 8.83
C TYR A 484 -6.18 22.19 8.12
N ASP A 485 -7.13 23.10 7.88
CA ASP A 485 -8.34 22.78 7.10
C ASP A 485 -8.16 23.10 5.62
N VAL A 486 -7.16 23.87 5.23
CA VAL A 486 -6.88 24.11 3.80
C VAL A 486 -5.38 24.15 3.57
N THR A 487 -4.92 23.88 2.34
CA THR A 487 -3.51 24.07 2.06
C THR A 487 -3.09 25.51 2.06
N ASP A 488 -1.83 25.60 2.45
CA ASP A 488 -0.93 26.72 2.40
C ASP A 488 -0.69 27.17 0.96
N MET A 489 -0.62 26.19 0.05
CA MET A 489 -0.23 26.36 -1.34
C MET A 489 -1.22 25.68 -2.29
N PRO A 490 -2.41 26.27 -2.44
CA PRO A 490 -3.37 25.74 -3.36
C PRO A 490 -2.93 25.95 -4.79
N VAL A 491 -3.51 25.16 -5.71
CA VAL A 491 -3.09 25.19 -7.13
C VAL A 491 -3.36 26.52 -7.82
N ASP A 492 -4.35 27.28 -7.34
CA ASP A 492 -4.67 28.58 -7.95
C ASP A 492 -3.64 29.68 -7.73
N GLY A 493 -2.59 29.46 -6.96
CA GLY A 493 -1.57 30.50 -6.71
C GLY A 493 -1.80 31.38 -5.46
N SER A 494 -3.03 31.43 -4.93
CA SER A 494 -3.39 32.26 -3.76
C SER A 494 -2.77 31.78 -2.44
N ASN A 495 -2.97 32.56 -1.39
CA ASN A 495 -2.53 32.20 -0.03
C ASN A 495 -3.65 32.53 0.97
N PRO A 496 -4.26 31.50 1.55
CA PRO A 496 -5.42 31.75 2.45
C PRO A 496 -5.11 32.44 3.78
N PHE A 497 -3.83 32.58 4.13
CA PHE A 497 -3.36 33.34 5.31
C PHE A 497 -2.67 34.68 4.88
N ASP A 498 -3.28 35.41 3.95
CA ASP A 498 -2.67 36.59 3.25
C ASP A 498 -1.21 36.95 3.62
C1 GLC B . -0.55 -2.80 -8.23
C2 GLC B . -2.06 -3.12 -8.34
C3 GLC B . -2.94 -2.04 -8.95
C4 GLC B . -2.31 -0.76 -8.41
C5 GLC B . -0.99 -0.66 -9.14
C6 GLC B . -0.25 0.63 -9.18
O1 GLC B . 0.17 -3.40 -9.25
O2 GLC B . -2.28 -4.34 -9.02
O3 GLC B . -4.27 -2.28 -8.53
O4 GLC B . -3.11 0.39 -8.49
O5 GLC B . -0.11 -1.46 -8.39
O6 GLC B . 0.75 0.38 -10.16
C1 GLC B . -3.67 0.79 -7.22
C2 GLC B . -2.80 1.48 -6.10
C3 GLC B . -3.79 2.18 -5.14
C4 GLC B . -5.08 1.36 -4.82
C5 GLC B . -5.28 0.02 -5.64
C6 GLC B . -6.51 -0.13 -6.56
O2 GLC B . -1.90 0.67 -5.28
O3 GLC B . -4.10 3.53 -5.63
O4 GLC B . -5.21 1.20 -3.33
O5 GLC B . -4.23 -0.32 -6.57
O6 GLC B . -6.64 -1.50 -6.96
C1 GLC B . -6.52 1.48 -2.74
C2 GLC B . -6.94 2.62 -1.72
C3 GLC B . -8.32 2.26 -1.12
C4 GLC B . -9.06 1.51 -2.24
C5 GLC B . -8.41 0.12 -2.24
C6 GLC B . -8.32 -0.82 -3.43
O2 GLC B . -6.21 2.88 -0.53
O3 GLC B . -9.08 3.35 -0.57
O4 GLC B . -10.41 1.60 -1.94
O5 GLC B . -6.99 0.32 -2.07
O6 GLC B . -7.23 -1.76 -3.12
C1 GLC B . -11.20 2.11 -3.00
C2 GLC B . -11.81 3.49 -2.79
C3 GLC B . -13.32 3.41 -2.85
C4 GLC B . -13.63 2.69 -4.16
C5 GLC B . -13.17 1.23 -4.07
C6 GLC B . -12.54 0.55 -5.29
O2 GLC B . -11.43 4.13 -1.59
O3 GLC B . -13.87 4.70 -2.81
O4 GLC B . -15.03 2.77 -4.36
O5 GLC B . -12.19 1.10 -3.06
O6 GLC B . -11.93 -0.69 -4.87
#